data_3OHO
#
_entry.id   3OHO
#
_cell.length_a   56.482
_cell.length_b   121.044
_cell.length_c   46.872
_cell.angle_alpha   90.00
_cell.angle_beta   90.00
_cell.angle_gamma   90.00
#
_symmetry.space_group_name_H-M   'C 2 2 21'
#
loop_
_entity.id
_entity.type
_entity.pdbx_description
1 polymer Stromelysin-1
2 non-polymer 'CALCIUM ION'
3 non-polymer 'ZINC ION'
4 non-polymer N-hydroxy-N~2~-[(4-methoxyphenyl)sulfonyl]glycinamide
5 non-polymer 'SULFATE ION'
6 water water
#
_entity_poly.entity_id   1
_entity_poly.type   'polypeptide(L)'
_entity_poly.pdbx_seq_one_letter_code
;FRTFPGIPKWRKTHLTYRIVNYTPDLPKDAVDSAVEKALKVWEEVTPLTFSRLYEGEADIMISFAVREHGDFYPFDGPGN
VLAHAYAPGPGINGDAHFDDDEQWTKDTTGTNLFLVAAHEIGHSLGLFHSANTEALMYPLYHSLTDLTRFRLSQDDINGI
QSLYGPPPD
;
_entity_poly.pdbx_strand_id   A
#
# COMPACT_ATOMS: atom_id res chain seq x y z
N PHE A 1 10.60 11.52 8.16
CA PHE A 1 9.40 11.17 7.34
C PHE A 1 9.08 12.29 6.33
N ARG A 2 8.33 11.95 5.29
CA ARG A 2 7.91 12.91 4.28
C ARG A 2 6.49 12.64 3.81
N THR A 3 5.80 13.71 3.39
CA THR A 3 4.44 13.62 2.86
C THR A 3 4.43 14.03 1.39
N PHE A 4 3.28 13.84 0.74
CA PHE A 4 3.12 14.20 -0.67
C PHE A 4 2.91 15.72 -0.82
N PRO A 5 3.13 16.26 -2.04
CA PRO A 5 2.92 17.69 -2.30
C PRO A 5 1.52 18.19 -1.93
N GLY A 6 1.47 19.32 -1.23
CA GLY A 6 0.20 19.89 -0.79
C GLY A 6 -0.42 19.19 0.40
N ILE A 7 0.40 18.45 1.15
CA ILE A 7 -0.02 17.71 2.36
C ILE A 7 -1.39 17.03 2.20
N PRO A 8 -1.52 16.09 1.24
CA PRO A 8 -2.80 15.43 1.05
C PRO A 8 -3.03 14.33 2.08
N LYS A 9 -4.25 14.31 2.62
CA LYS A 9 -4.65 13.31 3.61
C LYS A 9 -6.12 12.94 3.37
N TRP A 10 -6.51 11.74 3.78
CA TRP A 10 -7.92 11.34 3.75
C TRP A 10 -8.69 12.20 4.76
N ARG A 11 -9.81 12.78 4.31
CA ARG A 11 -10.62 13.67 5.14
C ARG A 11 -11.74 12.93 5.88
N LYS A 12 -11.62 11.60 5.97
CA LYS A 12 -12.56 10.75 6.69
C LYS A 12 -11.80 9.63 7.40
N THR A 13 -12.43 9.04 8.42
CA THR A 13 -11.78 7.98 9.21
C THR A 13 -12.09 6.59 8.65
N HIS A 14 -13.34 6.36 8.25
CA HIS A 14 -13.73 5.09 7.63
C HIS A 14 -13.32 5.08 6.15
N LEU A 15 -12.39 4.20 5.79
CA LEU A 15 -11.91 4.04 4.42
C LEU A 15 -12.23 2.64 3.90
N THR A 16 -12.56 2.54 2.61
CA THR A 16 -12.89 1.27 1.99
C THR A 16 -11.82 0.81 1.00
N TYR A 17 -11.65 -0.50 0.87
CA TYR A 17 -10.72 -1.07 -0.10
C TYR A 17 -11.32 -2.26 -0.84
N ARG A 18 -10.82 -2.50 -2.05
CA ARG A 18 -11.24 -3.62 -2.88
C ARG A 18 -10.03 -4.23 -3.56
N ILE A 19 -9.94 -5.56 -3.50
CA ILE A 19 -8.90 -6.28 -4.22
C ILE A 19 -9.50 -6.70 -5.56
N VAL A 20 -9.15 -5.94 -6.61
CA VAL A 20 -9.80 -6.08 -7.92
C VAL A 20 -9.45 -7.39 -8.60
N ASN A 21 -8.21 -7.82 -8.45
CA ASN A 21 -7.74 -9.07 -9.05
C ASN A 21 -6.56 -9.65 -8.25
N TYR A 22 -6.02 -10.78 -8.72
CA TYR A 22 -5.06 -11.55 -7.94
C TYR A 22 -3.88 -12.03 -8.78
N THR A 23 -2.73 -12.13 -8.12
CA THR A 23 -1.53 -12.67 -8.74
C THR A 23 -1.68 -14.18 -8.93
N PRO A 24 -1.04 -14.73 -9.97
CA PRO A 24 -0.96 -16.19 -10.09
C PRO A 24 -0.02 -16.83 -9.04
N ASP A 25 0.87 -16.04 -8.46
CA ASP A 25 1.98 -16.54 -7.65
C ASP A 25 1.54 -17.18 -6.32
N LEU A 26 0.50 -16.63 -5.70
CA LEU A 26 0.00 -17.13 -4.41
C LEU A 26 -1.48 -17.54 -4.50
N PRO A 27 -1.95 -18.31 -3.51
CA PRO A 27 -3.40 -18.49 -3.36
C PRO A 27 -4.05 -17.19 -2.87
N LYS A 28 -5.35 -17.04 -3.13
CA LYS A 28 -6.08 -15.81 -2.80
C LYS A 28 -6.05 -15.45 -1.31
N ASP A 29 -6.13 -16.48 -0.45
CA ASP A 29 -6.08 -16.27 1.00
C ASP A 29 -4.75 -15.67 1.47
N ALA A 30 -3.65 -16.06 0.81
CA ALA A 30 -2.33 -15.53 1.10
C ALA A 30 -2.21 -14.06 0.68
N VAL A 31 -2.84 -13.72 -0.44
CA VAL A 31 -2.92 -12.33 -0.90
C VAL A 31 -3.82 -11.50 0.04
N ASP A 32 -4.96 -12.06 0.39
CA ASP A 32 -5.88 -11.41 1.34
C ASP A 32 -5.21 -11.17 2.69
N SER A 33 -4.52 -12.19 3.19
CA SER A 33 -3.82 -12.11 4.48
C SER A 33 -2.75 -11.02 4.48
N ALA A 34 -1.92 -10.98 3.44
CA ALA A 34 -0.86 -9.97 3.31
C ALA A 34 -1.42 -8.55 3.27
N VAL A 35 -2.49 -8.36 2.49
CA VAL A 35 -3.15 -7.06 2.34
C VAL A 35 -3.90 -6.65 3.60
N GLU A 36 -4.70 -7.57 4.14
CA GLU A 36 -5.45 -7.35 5.39
C GLU A 36 -4.48 -7.01 6.53
N LYS A 37 -3.40 -7.78 6.62
CA LYS A 37 -2.35 -7.53 7.62
C LYS A 37 -1.59 -6.22 7.35
N ALA A 38 -1.44 -5.87 6.07
CA ALA A 38 -0.81 -4.60 5.68
C ALA A 38 -1.64 -3.38 6.13
N LEU A 39 -2.96 -3.52 6.07
CA LEU A 39 -3.88 -2.45 6.50
C LEU A 39 -3.91 -2.30 8.02
N LYS A 40 -3.74 -3.40 8.75
CA LYS A 40 -3.72 -3.40 10.21
C LYS A 40 -2.51 -2.66 10.78
N VAL A 41 -1.36 -2.80 10.13
CA VAL A 41 -0.13 -2.09 10.51
C VAL A 41 -0.41 -0.59 10.72
N TRP A 42 -1.17 0.00 9.80
CA TRP A 42 -1.51 1.42 9.87
C TRP A 42 -2.76 1.70 10.72
N GLU A 43 -3.73 0.78 10.67
CA GLU A 43 -4.96 0.87 11.48
C GLU A 43 -4.69 0.88 12.99
N GLU A 44 -3.66 0.14 13.42
CA GLU A 44 -3.37 -0.02 14.84
C GLU A 44 -2.90 1.27 15.53
N VAL A 45 -2.16 2.11 14.79
CA VAL A 45 -1.62 3.37 15.34
C VAL A 45 -2.28 4.62 14.73
N THR A 46 -3.56 4.51 14.35
CA THR A 46 -4.36 5.64 13.89
C THR A 46 -5.84 5.35 14.17
N PRO A 47 -6.71 6.39 14.07
CA PRO A 47 -8.15 6.15 14.18
C PRO A 47 -8.81 5.63 12.89
N LEU A 48 -8.01 5.24 11.91
CA LEU A 48 -8.51 4.78 10.61
C LEU A 48 -9.05 3.36 10.71
N THR A 49 -10.30 3.17 10.30
CA THR A 49 -10.93 1.84 10.26
C THR A 49 -11.21 1.45 8.81
N PHE A 50 -10.60 0.35 8.37
CA PHE A 50 -10.74 -0.12 6.99
C PHE A 50 -11.88 -1.13 6.85
N SER A 51 -12.54 -1.10 5.69
CA SER A 51 -13.62 -2.03 5.37
C SER A 51 -13.48 -2.52 3.92
N ARG A 52 -13.82 -3.78 3.68
CA ARG A 52 -13.63 -4.40 2.37
C ARG A 52 -14.89 -4.34 1.50
N LEU A 53 -14.68 -4.17 0.20
CA LEU A 53 -15.76 -4.19 -0.79
C LEU A 53 -15.43 -5.16 -1.93
N TYR A 54 -16.46 -5.80 -2.47
CA TYR A 54 -16.30 -6.75 -3.58
C TYR A 54 -16.89 -6.22 -4.90
N GLU A 55 -17.84 -5.29 -4.81
CA GLU A 55 -18.33 -4.56 -5.98
C GLU A 55 -17.85 -3.11 -5.91
N GLY A 56 -18.03 -2.40 -7.01
CA GLY A 56 -17.95 -0.93 -7.02
C GLY A 56 -16.60 -0.30 -6.74
N GLU A 57 -16.61 1.02 -6.59
CA GLU A 57 -15.40 1.83 -6.46
C GLU A 57 -15.04 2.03 -4.98
N ALA A 58 -13.98 1.35 -4.54
CA ALA A 58 -13.45 1.53 -3.18
C ALA A 58 -12.44 2.67 -3.20
N ASP A 59 -12.15 3.22 -2.02
CA ASP A 59 -11.17 4.30 -1.90
C ASP A 59 -9.79 3.80 -2.32
N ILE A 60 -9.38 2.68 -1.75
CA ILE A 60 -8.12 2.03 -2.10
C ILE A 60 -8.38 0.80 -2.97
N MET A 61 -8.32 0.99 -4.29
CA MET A 61 -8.46 -0.13 -5.24
C MET A 61 -7.11 -0.82 -5.39
N ILE A 62 -7.06 -2.10 -5.02
CA ILE A 62 -5.83 -2.88 -5.07
C ILE A 62 -5.86 -3.85 -6.25
N SER A 63 -4.83 -3.79 -7.10
CA SER A 63 -4.76 -4.65 -8.28
C SER A 63 -3.32 -5.06 -8.64
N PHE A 64 -3.21 -6.17 -9.35
CA PHE A 64 -1.94 -6.64 -9.90
C PHE A 64 -1.93 -6.42 -11.42
N ALA A 65 -0.84 -5.84 -11.92
CA ALA A 65 -0.74 -5.49 -13.35
C ALA A 65 0.70 -5.58 -13.86
N VAL A 66 0.84 -5.65 -15.17
CA VAL A 66 2.15 -5.66 -15.83
C VAL A 66 2.23 -4.56 -16.89
N ARG A 67 3.43 -4.01 -17.07
CA ARG A 67 3.69 -3.00 -18.11
C ARG A 67 2.67 -1.84 -18.04
N GLU A 68 2.14 -1.41 -19.19
CA GLU A 68 1.11 -0.38 -19.24
C GLU A 68 -0.21 -0.96 -18.71
N HIS A 69 -0.85 -0.24 -17.78
CA HIS A 69 -2.05 -0.74 -17.11
C HIS A 69 -3.03 0.38 -16.69
N GLY A 70 -3.08 1.45 -17.47
CA GLY A 70 -4.11 2.48 -17.33
C GLY A 70 -3.71 3.75 -16.60
N ASP A 71 -2.43 3.89 -16.28
CA ASP A 71 -1.94 5.12 -15.64
C ASP A 71 -0.64 5.60 -16.30
N PHE A 72 -0.15 6.74 -15.82
CA PHE A 72 1.03 7.40 -16.40
C PHE A 72 2.36 6.76 -15.97
N TYR A 73 2.30 5.68 -15.19
CA TYR A 73 3.50 5.01 -14.67
C TYR A 73 3.48 3.51 -15.02
N PRO A 74 3.79 3.17 -16.28
CA PRO A 74 3.84 1.75 -16.66
C PRO A 74 4.95 0.99 -15.91
N PHE A 75 4.66 -0.25 -15.53
CA PHE A 75 5.66 -1.10 -14.88
C PHE A 75 6.74 -1.53 -15.88
N ASP A 76 7.79 -2.17 -15.37
CA ASP A 76 9.06 -2.28 -16.09
C ASP A 76 9.60 -3.73 -16.16
N GLY A 77 8.69 -4.70 -16.09
CA GLY A 77 9.07 -6.11 -16.09
C GLY A 77 9.59 -6.54 -14.73
N PRO A 78 10.31 -7.68 -14.69
CA PRO A 78 10.89 -8.18 -13.44
C PRO A 78 11.99 -7.27 -12.89
N GLY A 79 11.98 -7.06 -11.57
CA GLY A 79 12.94 -6.19 -10.90
C GLY A 79 12.54 -4.73 -10.99
N ASN A 80 13.44 -3.86 -10.52
CA ASN A 80 13.23 -2.41 -10.53
C ASN A 80 12.00 -2.03 -9.69
N VAL A 81 10.99 -1.42 -10.31
CA VAL A 81 9.76 -1.06 -9.61
C VAL A 81 8.95 -2.32 -9.30
N LEU A 82 8.74 -2.58 -8.01
CA LEU A 82 7.96 -3.72 -7.55
C LEU A 82 6.48 -3.36 -7.48
N ALA A 83 6.19 -2.14 -7.02
CA ALA A 83 4.83 -1.64 -6.87
C ALA A 83 4.81 -0.11 -6.73
N HIS A 84 3.64 0.49 -6.95
CA HIS A 84 3.42 1.90 -6.62
C HIS A 84 1.99 2.15 -6.21
N ALA A 85 1.79 3.22 -5.44
CA ALA A 85 0.47 3.62 -4.96
C ALA A 85 0.32 5.14 -5.02
N TYR A 86 -0.91 5.61 -4.87
CA TYR A 86 -1.21 7.03 -5.04
C TYR A 86 -1.64 7.68 -3.73
N ALA A 87 -1.38 8.98 -3.63
CA ALA A 87 -1.75 9.76 -2.45
C ALA A 87 -3.27 9.81 -2.27
N PRO A 88 -3.74 10.18 -1.07
CA PRO A 88 -5.17 10.33 -0.80
C PRO A 88 -5.88 11.27 -1.78
N GLY A 89 -7.07 10.86 -2.20
CA GLY A 89 -7.88 11.65 -3.14
C GLY A 89 -8.92 10.80 -3.84
N PRO A 90 -9.62 11.38 -4.82
CA PRO A 90 -10.62 10.67 -5.61
C PRO A 90 -10.03 9.95 -6.83
N GLY A 91 -10.74 8.95 -7.31
CA GLY A 91 -10.32 8.19 -8.50
C GLY A 91 -9.12 7.30 -8.27
N ILE A 92 -8.10 7.46 -9.11
CA ILE A 92 -6.86 6.68 -9.04
C ILE A 92 -6.08 6.98 -7.75
N ASN A 93 -6.37 8.13 -7.14
CA ASN A 93 -5.76 8.49 -5.87
C ASN A 93 -6.13 7.50 -4.78
N GLY A 94 -5.13 7.09 -3.99
CA GLY A 94 -5.30 6.08 -2.96
C GLY A 94 -5.07 4.64 -3.43
N ASP A 95 -5.12 4.41 -4.73
CA ASP A 95 -5.02 3.06 -5.30
C ASP A 95 -3.59 2.54 -5.23
N ALA A 96 -3.43 1.24 -5.05
CA ALA A 96 -2.13 0.60 -4.99
C ALA A 96 -2.03 -0.48 -6.07
N HIS A 97 -0.96 -0.41 -6.88
CA HIS A 97 -0.72 -1.41 -7.93
C HIS A 97 0.56 -2.20 -7.64
N PHE A 98 0.54 -3.48 -8.00
CA PHE A 98 1.68 -4.39 -7.79
C PHE A 98 2.12 -4.98 -9.12
N ASP A 99 3.42 -4.93 -9.38
CA ASP A 99 3.97 -5.44 -10.64
C ASP A 99 3.96 -6.96 -10.62
N ASP A 100 3.15 -7.56 -11.49
CA ASP A 100 2.95 -9.01 -11.47
C ASP A 100 4.02 -9.78 -12.27
N ASP A 101 5.04 -9.07 -12.76
CA ASP A 101 6.26 -9.71 -13.28
C ASP A 101 7.27 -10.04 -12.16
N GLU A 102 7.03 -9.52 -10.95
CA GLU A 102 7.79 -9.94 -9.78
C GLU A 102 7.19 -11.26 -9.28
N GLN A 103 7.95 -12.00 -8.50
CA GLN A 103 7.48 -13.25 -7.91
C GLN A 103 7.02 -12.99 -6.47
N TRP A 104 5.71 -12.81 -6.31
CA TRP A 104 5.13 -12.48 -5.00
C TRP A 104 5.04 -13.72 -4.12
N THR A 105 5.62 -13.64 -2.93
CA THR A 105 5.72 -14.79 -2.03
C THR A 105 5.12 -14.53 -0.65
N LYS A 106 4.75 -15.60 0.02
CA LYS A 106 4.32 -15.57 1.42
C LYS A 106 5.55 -15.34 2.31
N ASP A 107 6.70 -15.83 1.84
CA ASP A 107 7.97 -15.77 2.59
C ASP A 107 8.94 -14.78 1.92
N THR A 108 10.25 -15.02 2.05
CA THR A 108 11.29 -14.10 1.56
C THR A 108 12.05 -14.64 0.34
N THR A 109 11.68 -15.82 -0.15
CA THR A 109 12.35 -16.42 -1.31
C THR A 109 12.07 -15.67 -2.62
N GLY A 110 11.03 -14.84 -2.62
CA GLY A 110 10.79 -13.90 -3.71
C GLY A 110 10.60 -12.51 -3.14
N THR A 111 9.68 -11.76 -3.73
CA THR A 111 9.29 -10.44 -3.22
C THR A 111 8.13 -10.63 -2.24
N ASN A 112 8.33 -10.25 -0.99
CA ASN A 112 7.30 -10.38 0.05
C ASN A 112 6.15 -9.38 -0.18
N LEU A 113 4.96 -9.90 -0.43
CA LEU A 113 3.78 -9.09 -0.72
C LEU A 113 3.34 -8.24 0.47
N PHE A 114 3.41 -8.80 1.67
CA PHE A 114 3.01 -8.09 2.90
C PHE A 114 3.83 -6.81 3.13
N LEU A 115 5.16 -6.94 3.06
CA LEU A 115 6.07 -5.81 3.30
C LEU A 115 5.88 -4.69 2.28
N VAL A 116 5.77 -5.05 1.00
CA VAL A 116 5.58 -4.08 -0.07
C VAL A 116 4.20 -3.39 0.03
N ALA A 117 3.17 -4.20 0.29
CA ALA A 117 1.82 -3.68 0.50
C ALA A 117 1.74 -2.71 1.70
N ALA A 118 2.42 -3.05 2.80
CA ALA A 118 2.50 -2.15 3.95
C ALA A 118 3.09 -0.79 3.57
N HIS A 119 4.15 -0.83 2.76
CA HIS A 119 4.82 0.37 2.23
C HIS A 119 3.92 1.11 1.23
N GLU A 120 3.21 0.34 0.40
CA GLU A 120 2.28 0.89 -0.57
C GLU A 120 1.06 1.53 0.08
N ILE A 121 0.54 0.90 1.12
CA ILE A 121 -0.61 1.44 1.86
C ILE A 121 -0.21 2.74 2.57
N GLY A 122 1.05 2.82 3.00
CA GLY A 122 1.62 4.09 3.46
C GLY A 122 1.45 5.22 2.45
N HIS A 123 1.70 4.92 1.17
CA HIS A 123 1.46 5.88 0.09
C HIS A 123 -0.02 6.19 -0.09
N SER A 124 -0.87 5.18 0.09
CA SER A 124 -2.33 5.36 0.00
C SER A 124 -2.86 6.28 1.09
N LEU A 125 -2.21 6.28 2.25
CA LEU A 125 -2.64 7.12 3.39
C LEU A 125 -1.90 8.46 3.47
N GLY A 126 -1.03 8.75 2.51
CA GLY A 126 -0.43 10.08 2.37
C GLY A 126 1.02 10.23 2.80
N LEU A 127 1.72 9.11 3.00
CA LEU A 127 3.14 9.13 3.33
C LEU A 127 4.00 8.89 2.09
N PHE A 128 5.01 9.74 1.92
CA PHE A 128 6.01 9.56 0.87
C PHE A 128 7.29 8.96 1.50
N HIS A 129 8.38 8.92 0.76
CA HIS A 129 9.57 8.17 1.18
C HIS A 129 10.37 8.84 2.28
N SER A 130 10.88 8.02 3.20
CA SER A 130 11.58 8.47 4.40
C SER A 130 13.07 8.68 4.12
N ALA A 131 13.80 9.10 5.15
CA ALA A 131 15.24 9.37 5.07
C ALA A 131 16.11 8.41 5.92
N ASN A 132 15.49 7.62 6.80
CA ASN A 132 16.23 6.65 7.63
C ASN A 132 16.65 5.43 6.82
N ALA A 135 12.95 2.38 8.98
CA ALA A 135 11.86 3.09 8.32
C ALA A 135 11.22 2.21 7.22
N LEU A 136 9.94 1.88 7.41
CA LEU A 136 9.17 1.12 6.42
C LEU A 136 8.99 1.91 5.12
N MET A 137 8.87 3.23 5.23
CA MET A 137 8.66 4.09 4.07
C MET A 137 9.96 4.47 3.33
N TYR A 138 11.09 3.86 3.71
CA TYR A 138 12.34 4.05 2.98
C TYR A 138 12.21 3.38 1.61
N PRO A 139 12.64 4.07 0.52
CA PRO A 139 12.32 3.64 -0.85
C PRO A 139 13.03 2.38 -1.37
N LEU A 140 13.57 1.54 -0.50
CA LEU A 140 14.31 0.35 -0.93
C LEU A 140 13.86 -0.90 -0.16
N TYR A 141 13.65 -1.99 -0.90
CA TYR A 141 13.16 -3.25 -0.32
C TYR A 141 14.31 -4.01 0.34
N HIS A 142 14.18 -4.25 1.65
CA HIS A 142 15.15 -5.06 2.40
C HIS A 142 14.45 -5.88 3.48
N ARG A 149 9.28 -10.63 13.28
CA ARG A 149 10.09 -9.64 13.98
C ARG A 149 9.98 -8.23 13.37
N PHE A 150 9.19 -8.11 12.30
CA PHE A 150 8.97 -6.82 11.65
C PHE A 150 8.15 -5.88 12.53
N ARG A 151 8.57 -4.62 12.62
CA ARG A 151 7.86 -3.61 13.40
C ARG A 151 7.86 -2.27 12.67
N LEU A 152 6.79 -1.50 12.86
CA LEU A 152 6.67 -0.18 12.26
C LEU A 152 7.53 0.82 13.04
N SER A 153 8.36 1.57 12.33
CA SER A 153 9.32 2.48 12.95
C SER A 153 8.64 3.70 13.57
N GLN A 154 9.36 4.39 14.45
CA GLN A 154 8.86 5.64 15.04
C GLN A 154 8.70 6.71 13.97
N ASP A 155 9.65 6.76 13.03
CA ASP A 155 9.59 7.71 11.91
C ASP A 155 8.33 7.51 11.07
N ASP A 156 7.90 6.25 10.92
CA ASP A 156 6.66 5.92 10.20
C ASP A 156 5.43 6.35 11.00
N ILE A 157 5.45 6.08 12.31
CA ILE A 157 4.35 6.46 13.20
C ILE A 157 4.22 7.98 13.33
N ASN A 158 5.34 8.69 13.28
CA ASN A 158 5.35 10.16 13.29
C ASN A 158 4.51 10.77 12.16
N GLY A 159 4.71 10.24 10.95
CA GLY A 159 4.05 10.78 9.76
C GLY A 159 2.54 10.57 9.73
N ILE A 160 2.11 9.34 9.96
CA ILE A 160 0.68 8.99 9.96
C ILE A 160 -0.10 9.67 11.10
N GLN A 161 0.53 9.83 12.26
CA GLN A 161 -0.12 10.45 13.42
C GLN A 161 -0.18 11.98 13.31
N SER A 162 0.90 12.58 12.84
CA SER A 162 0.92 14.03 12.59
C SER A 162 0.26 14.32 11.24
N LEU A 163 -0.99 13.88 11.11
CA LEU A 163 -1.72 13.90 9.85
C LEU A 163 -3.17 13.47 10.09
N TYR A 164 -3.34 12.31 10.72
CA TYR A 164 -4.64 11.81 11.12
C TYR A 164 -4.81 11.90 12.63
N GLY A 165 -3.89 11.28 13.37
CA GLY A 165 -3.91 11.27 14.83
C GLY A 165 -3.64 9.87 15.39
N PRO A 166 -3.60 9.75 16.73
CA PRO A 166 -3.43 8.45 17.40
C PRO A 166 -4.75 7.74 17.67
N PRO A 167 -4.71 6.45 18.05
CA PRO A 167 -5.94 5.71 18.32
C PRO A 167 -6.59 6.06 19.66
#